data_5O4Z
#
_entry.id   5O4Z
#
_cell.length_a   71.670
_cell.length_b   87.830
_cell.length_c   122.430
_cell.angle_alpha   90.00
_cell.angle_beta   90.00
_cell.angle_gamma   90.00
#
_symmetry.space_group_name_H-M   'C 2 2 21'
#
loop_
_entity.id
_entity.type
_entity.pdbx_description
1 polymer 'DHH/DHHA1-type phosphodiesterase TM1595'
2 polymer "RNA 5'-pApA"
3 non-polymer 'SULFATE ION'
4 non-polymer GLYCEROL
5 non-polymer 'CHLORIDE ION'
6 water water
#
loop_
_entity_poly.entity_id
_entity_poly.type
_entity_poly.pdbx_seq_one_letter_code
_entity_poly.pdbx_strand_id
1 'polypeptide(L)'
;GSGSGMDEIVKVLSQHDRILVVGHIMPDGDCVSSVLSLTLGLEKLGKEVKAAVDYKIPYVFEKFPYIDKIEENPNFDPEL
LVVVNASSPDRIGKFQDLLDKVPSVVIDHHSTNTNFGNWNWVDPSFAATAQMIFRINKALGVEYDSNLATLNYLGIATNT
GFFRHSNADVRVFEDAYKLVKMGADAHFVAKEILENKRFEQFKLFAEVLERLQLLENGKIAYSYIDYDTYLRHNCTDEDS
AGFVGELRSIRGVEVAVLFMEFPRGKIHVSMRSKDWFNVNEVAFELGGGGHPRAAGVTFEGKKIEEVIPRVINHLLKKFK
EGVESESEKIPEGDVLGG
;
A
2 'polyribonucleotide' AA B
#
# COMPACT_ATOMS: atom_id res chain seq x y z
N GLY A 3 6.98 3.72 22.26
CA GLY A 3 6.41 4.15 21.00
C GLY A 3 6.00 5.61 21.00
N SER A 4 6.60 6.39 20.12
CA SER A 4 6.28 7.80 20.04
C SER A 4 4.89 8.02 19.45
N GLY A 5 4.26 9.12 19.83
CA GLY A 5 3.02 9.56 19.23
C GLY A 5 3.25 10.69 18.23
N MET A 6 2.15 11.26 17.76
CA MET A 6 2.26 12.30 16.75
C MET A 6 3.03 13.52 17.28
N ASP A 7 2.78 13.90 18.53
CA ASP A 7 3.42 15.08 19.09
C ASP A 7 4.94 14.97 19.04
N GLU A 8 5.49 13.81 19.39
CA GLU A 8 6.95 13.68 19.38
C GLU A 8 7.49 13.73 17.95
N ILE A 9 6.76 13.15 17.00
CA ILE A 9 7.15 13.25 15.59
C ILE A 9 7.10 14.69 15.12
N VAL A 10 6.06 15.43 15.52
CA VAL A 10 5.94 16.82 15.10
C VAL A 10 7.10 17.63 15.63
N LYS A 11 7.47 17.43 16.89
CA LYS A 11 8.63 18.11 17.46
C LYS A 11 9.90 17.77 16.68
N VAL A 12 10.11 16.48 16.37
CA VAL A 12 11.33 16.09 15.66
C VAL A 12 11.36 16.71 14.27
N LEU A 13 10.22 16.67 13.56
CA LEU A 13 10.15 17.33 12.26
C LEU A 13 10.45 18.81 12.36
N SER A 14 9.94 19.45 13.41
CA SER A 14 10.15 20.90 13.57
CA SER A 14 10.16 20.89 13.58
C SER A 14 11.62 21.22 13.82
N GLN A 15 12.37 20.29 14.39
CA GLN A 15 13.75 20.54 14.79
C GLN A 15 14.77 20.37 13.67
N HIS A 16 14.41 19.74 12.55
CA HIS A 16 15.33 19.52 11.45
C HIS A 16 14.86 20.27 10.23
N ASP A 17 15.79 20.83 9.47
CA ASP A 17 15.44 21.64 8.30
C ASP A 17 15.89 21.06 6.97
N ARG A 18 16.74 20.04 6.96
CA ARG A 18 17.12 19.35 5.73
C ARG A 18 16.65 17.91 5.86
N ILE A 19 15.62 17.57 5.11
CA ILE A 19 14.86 16.34 5.33
C ILE A 19 14.71 15.59 4.01
N LEU A 20 15.01 14.30 4.03
CA LEU A 20 14.70 13.40 2.91
C LEU A 20 13.49 12.55 3.30
N VAL A 21 12.41 12.67 2.54
CA VAL A 21 11.21 11.87 2.74
C VAL A 21 11.25 10.70 1.77
N VAL A 22 11.17 9.48 2.30
CA VAL A 22 11.34 8.26 1.51
C VAL A 22 10.10 7.39 1.62
N GLY A 23 9.65 6.88 0.47
CA GLY A 23 8.61 5.89 0.41
C GLY A 23 9.19 4.54 0.01
N HIS A 24 8.30 3.58 -0.18
CA HIS A 24 8.69 2.20 -0.41
C HIS A 24 8.67 1.85 -1.89
N ILE A 25 9.42 0.79 -2.23
CA ILE A 25 9.40 0.25 -3.58
C ILE A 25 8.01 -0.30 -3.88
N MET A 26 7.74 -0.46 -5.18
CA MET A 26 6.39 -0.75 -5.66
C MET A 26 5.38 0.21 -5.02
N PRO A 27 5.54 1.51 -5.21
CA PRO A 27 4.68 2.46 -4.51
C PRO A 27 3.23 2.36 -4.96
N ASP A 28 2.33 2.53 -4.00
CA ASP A 28 0.91 2.56 -4.24
C ASP A 28 0.41 3.98 -3.96
N GLY A 29 -0.91 4.16 -4.01
CA GLY A 29 -1.48 5.48 -3.79
C GLY A 29 -1.11 6.06 -2.44
N ASP A 30 -1.12 5.24 -1.38
CA ASP A 30 -0.82 5.75 -0.06
C ASP A 30 0.64 6.18 0.03
N CYS A 31 1.52 5.43 -0.64
CA CYS A 31 2.93 5.83 -0.64
C CYS A 31 3.11 7.16 -1.35
N VAL A 32 2.54 7.30 -2.56
CA VAL A 32 2.71 8.53 -3.32
C VAL A 32 2.08 9.68 -2.57
N SER A 33 0.87 9.46 -2.05
CA SER A 33 0.14 10.46 -1.29
C SER A 33 0.92 10.91 -0.06
N SER A 34 1.42 9.95 0.72
CA SER A 34 2.09 10.32 1.97
C SER A 34 3.41 11.03 1.69
N VAL A 35 4.17 10.53 0.72
CA VAL A 35 5.46 11.13 0.39
C VAL A 35 5.28 12.57 -0.06
N LEU A 36 4.41 12.79 -1.05
CA LEU A 36 4.25 14.14 -1.58
C LEU A 36 3.55 15.07 -0.59
N SER A 37 2.55 14.56 0.15
CA SER A 37 1.86 15.44 1.09
C SER A 37 2.80 15.92 2.20
N LEU A 38 3.62 15.03 2.74
CA LEU A 38 4.54 15.45 3.78
C LEU A 38 5.64 16.33 3.22
N THR A 39 6.16 15.99 2.04
CA THR A 39 7.23 16.78 1.43
C THR A 39 6.76 18.22 1.21
N LEU A 40 5.58 18.39 0.62
CA LEU A 40 5.07 19.72 0.34
C LEU A 40 4.70 20.46 1.62
N GLY A 41 4.14 19.74 2.60
CA GLY A 41 3.86 20.36 3.88
C GLY A 41 5.12 20.92 4.53
N LEU A 42 6.18 20.10 4.57
CA LEU A 42 7.42 20.54 5.18
C LEU A 42 8.05 21.67 4.40
N GLU A 43 7.90 21.70 3.08
CA GLU A 43 8.44 22.82 2.32
C GLU A 43 7.72 24.12 2.66
N LYS A 44 6.44 24.04 2.97
CA LYS A 44 5.70 25.25 3.30
C LYS A 44 6.17 25.87 4.62
N LEU A 45 6.77 25.07 5.50
CA LEU A 45 7.50 25.60 6.65
C LEU A 45 8.88 26.15 6.31
N GLY A 46 9.24 26.18 5.03
CA GLY A 46 10.53 26.72 4.62
C GLY A 46 11.68 25.72 4.66
N LYS A 47 11.41 24.47 5.00
CA LYS A 47 12.49 23.50 5.10
C LYS A 47 12.98 23.10 3.71
N GLU A 48 14.20 22.58 3.67
CA GLU A 48 14.78 22.05 2.44
C GLU A 48 14.49 20.55 2.41
N VAL A 49 13.65 20.12 1.48
CA VAL A 49 13.08 18.77 1.51
C VAL A 49 13.22 18.14 0.14
N LYS A 50 13.62 16.89 0.11
CA LYS A 50 13.55 16.08 -1.10
C LYS A 50 12.74 14.83 -0.84
N ALA A 51 12.16 14.28 -1.90
CA ALA A 51 11.35 13.08 -1.82
C ALA A 51 11.99 12.02 -2.72
N ALA A 52 11.93 10.79 -2.27
CA ALA A 52 12.66 9.73 -2.96
C ALA A 52 11.91 8.41 -2.83
N VAL A 53 11.91 7.65 -3.92
CA VAL A 53 11.40 6.29 -3.96
C VAL A 53 12.29 5.52 -4.92
N ASP A 54 12.86 4.42 -4.45
CA ASP A 54 13.81 3.65 -5.26
C ASP A 54 13.05 2.68 -6.17
N TYR A 55 12.32 3.26 -7.11
CA TYR A 55 11.44 2.49 -7.97
C TYR A 55 10.86 3.40 -9.04
N LYS A 56 10.49 2.81 -10.18
CA LYS A 56 9.80 3.57 -11.20
C LYS A 56 8.40 3.93 -10.73
N ILE A 57 8.02 5.19 -10.91
CA ILE A 57 6.66 5.60 -10.52
C ILE A 57 5.65 5.00 -11.48
N PRO A 58 4.63 4.28 -11.01
CA PRO A 58 3.64 3.71 -11.93
C PRO A 58 2.95 4.75 -12.80
N TYR A 59 2.49 4.29 -13.97
CA TYR A 59 1.89 5.17 -14.96
C TYR A 59 0.73 5.97 -14.40
N VAL A 60 -0.10 5.38 -13.53
CA VAL A 60 -1.30 6.06 -13.09
C VAL A 60 -1.02 7.33 -12.29
N PHE A 61 0.21 7.52 -11.79
CA PHE A 61 0.53 8.71 -11.02
C PHE A 61 1.11 9.83 -11.86
N GLU A 62 1.36 9.60 -13.14
CA GLU A 62 2.19 10.52 -13.90
C GLU A 62 1.56 11.89 -14.11
N LYS A 63 0.23 12.02 -13.97
CA LYS A 63 -0.42 13.30 -14.17
C LYS A 63 -0.69 14.05 -12.86
N PHE A 64 -0.39 13.45 -11.71
CA PHE A 64 -0.64 14.11 -10.45
C PHE A 64 0.30 15.32 -10.29
N PRO A 65 -0.16 16.37 -9.63
CA PRO A 65 0.73 17.53 -9.42
C PRO A 65 1.92 17.13 -8.58
N TYR A 66 3.08 17.69 -8.94
CA TYR A 66 4.35 17.51 -8.21
C TYR A 66 4.86 16.08 -8.21
N ILE A 67 4.34 15.20 -9.08
CA ILE A 67 4.87 13.84 -9.10
C ILE A 67 6.36 13.82 -9.42
N ASP A 68 6.85 14.83 -10.16
CA ASP A 68 8.27 14.89 -10.52
C ASP A 68 9.14 15.21 -9.33
N LYS A 69 8.55 15.61 -8.20
CA LYS A 69 9.32 15.81 -6.98
C LYS A 69 9.84 14.49 -6.40
N ILE A 70 9.23 13.37 -6.74
CA ILE A 70 9.76 12.09 -6.26
C ILE A 70 10.91 11.67 -7.17
N GLU A 71 12.10 11.54 -6.58
CA GLU A 71 13.31 11.22 -7.33
C GLU A 71 13.70 9.77 -7.07
N GLU A 72 14.22 9.10 -8.11
CA GLU A 72 14.82 7.78 -7.90
C GLU A 72 16.24 7.90 -7.39
N ASN A 73 16.95 8.95 -7.81
CA ASN A 73 18.37 9.12 -7.52
C ASN A 73 18.62 10.53 -7.02
N PRO A 74 18.17 10.84 -5.80
CA PRO A 74 18.40 12.17 -5.26
C PRO A 74 19.88 12.36 -4.92
N ASN A 75 20.32 13.60 -5.03
CA ASN A 75 21.67 14.00 -4.62
C ASN A 75 21.50 14.97 -3.45
N PHE A 76 21.49 14.42 -2.24
CA PHE A 76 21.07 15.16 -1.06
C PHE A 76 21.77 14.59 0.16
N ASP A 77 22.18 15.48 1.07
CA ASP A 77 22.78 15.09 2.33
C ASP A 77 21.84 15.50 3.46
N PRO A 78 20.87 14.66 3.81
CA PRO A 78 19.85 15.09 4.77
C PRO A 78 20.36 15.09 6.21
N GLU A 79 19.76 15.98 6.99
CA GLU A 79 19.87 15.95 8.45
C GLU A 79 18.98 14.89 9.06
N LEU A 80 17.86 14.61 8.40
CA LEU A 80 16.83 13.74 8.94
C LEU A 80 16.25 12.93 7.80
N LEU A 81 16.06 11.65 8.05
CA LEU A 81 15.36 10.76 7.14
C LEU A 81 13.96 10.54 7.69
N VAL A 82 12.94 10.70 6.84
CA VAL A 82 11.56 10.42 7.23
C VAL A 82 11.02 9.37 6.26
N VAL A 83 10.72 8.19 6.79
CA VAL A 83 10.23 7.05 5.99
C VAL A 83 8.73 6.88 6.24
N VAL A 84 7.93 6.97 5.19
CA VAL A 84 6.48 6.93 5.32
C VAL A 84 5.93 5.70 4.61
N ASN A 85 4.96 5.04 5.27
CA ASN A 85 4.17 3.94 4.73
C ASN A 85 4.98 2.69 4.41
N ALA A 86 6.23 2.61 4.87
CA ALA A 86 7.10 1.46 4.65
C ALA A 86 7.23 0.70 5.95
N SER A 87 6.86 -0.59 5.94
CA SER A 87 6.82 -1.36 7.18
C SER A 87 8.19 -1.92 7.58
N SER A 88 9.18 -1.95 6.70
CA SER A 88 10.46 -2.53 7.06
C SER A 88 11.55 -1.93 6.19
N PRO A 89 12.81 -1.98 6.64
CA PRO A 89 13.88 -1.31 5.87
C PRO A 89 14.07 -1.86 4.47
N ASP A 90 13.86 -3.16 4.25
CA ASP A 90 14.01 -3.70 2.90
C ASP A 90 13.07 -3.04 1.90
N ARG A 91 11.95 -2.51 2.37
CA ARG A 91 10.95 -1.92 1.49
CA ARG A 91 10.96 -1.92 1.48
C ARG A 91 11.36 -0.56 0.93
N ILE A 92 12.42 0.06 1.44
CA ILE A 92 12.84 1.35 0.91
C ILE A 92 14.04 1.24 -0.02
N GLY A 93 14.41 0.02 -0.41
CA GLY A 93 15.47 -0.16 -1.39
C GLY A 93 16.79 0.42 -0.95
N LYS A 94 17.48 1.09 -1.87
CA LYS A 94 18.85 1.53 -1.61
C LYS A 94 18.92 2.58 -0.52
N PHE A 95 17.79 3.20 -0.14
CA PHE A 95 17.85 4.21 0.90
C PHE A 95 17.98 3.62 2.31
N GLN A 96 17.83 2.30 2.47
CA GLN A 96 18.07 1.71 3.78
C GLN A 96 19.49 1.95 4.27
N ASP A 97 20.43 2.25 3.36
CA ASP A 97 21.80 2.56 3.76
C ASP A 97 21.87 3.82 4.62
N LEU A 98 20.93 4.74 4.44
CA LEU A 98 20.93 5.98 5.23
C LEU A 98 20.56 5.74 6.69
N LEU A 99 19.86 4.64 6.99
CA LEU A 99 19.43 4.37 8.36
C LEU A 99 20.61 4.26 9.31
N ASP A 100 21.78 3.87 8.80
CA ASP A 100 22.96 3.76 9.66
C ASP A 100 23.65 5.10 9.89
N LYS A 101 23.35 6.12 9.07
CA LYS A 101 24.11 7.36 9.07
C LYS A 101 23.31 8.58 9.50
N VAL A 102 21.98 8.55 9.39
CA VAL A 102 21.13 9.71 9.56
C VAL A 102 20.02 9.36 10.55
N PRO A 103 19.74 10.22 11.53
CA PRO A 103 18.55 10.01 12.39
C PRO A 103 17.31 9.87 11.52
N SER A 104 16.41 8.97 11.93
CA SER A 104 15.27 8.60 11.10
C SER A 104 13.97 8.64 11.89
N VAL A 105 12.92 9.10 11.20
CA VAL A 105 11.54 9.07 11.69
C VAL A 105 10.76 8.10 10.82
N VAL A 106 9.93 7.24 11.45
CA VAL A 106 9.02 6.36 10.74
C VAL A 106 7.58 6.78 11.05
N ILE A 107 6.77 6.91 10.01
CA ILE A 107 5.35 7.24 10.13
C ILE A 107 4.59 6.22 9.28
N ASP A 108 3.71 5.45 9.91
CA ASP A 108 3.15 4.31 9.19
C ASP A 108 1.86 3.86 9.86
N HIS A 109 0.91 3.39 9.06
CA HIS A 109 -0.30 2.79 9.61
C HIS A 109 -0.21 1.27 9.68
N HIS A 110 0.80 0.65 9.07
CA HIS A 110 0.89 -0.81 9.05
C HIS A 110 1.27 -1.34 10.42
N SER A 111 0.46 -2.25 10.96
CA SER A 111 0.78 -2.88 12.23
C SER A 111 2.02 -3.77 12.13
N THR A 112 2.43 -4.14 10.92
CA THR A 112 3.61 -4.96 10.68
C THR A 112 4.92 -4.16 10.77
N ASN A 113 4.84 -2.84 10.87
CA ASN A 113 6.05 -2.03 10.92
C ASN A 113 7.03 -2.51 11.99
N THR A 114 8.30 -2.65 11.59
CA THR A 114 9.33 -3.18 12.49
C THR A 114 9.93 -2.14 13.41
N ASN A 115 9.45 -0.89 13.34
CA ASN A 115 9.91 0.21 14.20
C ASN A 115 11.41 0.47 14.02
N PHE A 116 11.81 0.61 12.77
CA PHE A 116 13.24 0.72 12.44
C PHE A 116 13.75 2.16 12.49
N GLY A 117 12.89 3.14 12.78
CA GLY A 117 13.39 4.50 12.92
C GLY A 117 13.91 4.80 14.33
N ASN A 118 14.66 5.90 14.45
CA ASN A 118 14.97 6.38 15.80
C ASN A 118 13.72 6.81 16.52
N TRP A 119 12.79 7.44 15.81
CA TRP A 119 11.45 7.73 16.30
C TRP A 119 10.43 7.04 15.39
N ASN A 120 9.38 6.48 16.00
CA ASN A 120 8.40 5.70 15.26
C ASN A 120 7.01 6.08 15.72
N TRP A 121 6.18 6.55 14.80
CA TRP A 121 4.76 6.75 15.04
C TRP A 121 4.02 5.77 14.13
N VAL A 122 3.48 4.73 14.74
CA VAL A 122 2.81 3.65 14.02
C VAL A 122 1.44 3.49 14.65
N ASP A 123 0.39 3.69 13.86
CA ASP A 123 -0.97 3.71 14.38
C ASP A 123 -1.87 2.97 13.42
N PRO A 124 -2.15 1.68 13.69
CA PRO A 124 -2.97 0.89 12.76
C PRO A 124 -4.44 1.26 12.76
N SER A 125 -4.89 2.16 13.63
CA SER A 125 -6.28 2.58 13.59
C SER A 125 -6.55 3.49 12.39
N PHE A 126 -5.51 4.01 11.76
CA PHE A 126 -5.70 4.74 10.52
C PHE A 126 -5.77 3.78 9.34
N ALA A 127 -6.66 4.08 8.39
CA ALA A 127 -6.73 3.29 7.17
C ALA A 127 -5.55 3.55 6.26
N ALA A 128 -4.97 4.74 6.35
CA ALA A 128 -3.94 5.16 5.43
C ALA A 128 -2.91 5.98 6.18
N THR A 129 -1.64 5.80 5.83
CA THR A 129 -0.61 6.69 6.33
C THR A 129 -0.93 8.13 5.95
N ALA A 130 -1.56 8.33 4.81
CA ALA A 130 -1.94 9.68 4.39
C ALA A 130 -2.77 10.39 5.47
N GLN A 131 -3.58 9.65 6.24
CA GLN A 131 -4.34 10.30 7.30
C GLN A 131 -3.43 10.81 8.39
N MET A 132 -2.32 10.11 8.64
CA MET A 132 -1.37 10.57 9.64
C MET A 132 -0.61 11.78 9.15
N ILE A 133 -0.24 11.80 7.86
CA ILE A 133 0.43 12.96 7.28
C ILE A 133 -0.48 14.18 7.33
N PHE A 134 -1.78 13.98 7.04
CA PHE A 134 -2.75 15.07 7.13
C PHE A 134 -2.72 15.72 8.51
N ARG A 135 -2.74 14.89 9.56
CA ARG A 135 -2.73 15.41 10.92
C ARG A 135 -1.38 16.04 11.28
N ILE A 136 -0.27 15.46 10.81
CA ILE A 136 1.03 16.09 11.03
C ILE A 136 1.07 17.47 10.38
N ASN A 137 0.64 17.57 9.13
CA ASN A 137 0.69 18.85 8.42
C ASN A 137 -0.14 19.91 9.14
N LYS A 138 -1.33 19.53 9.59
CA LYS A 138 -2.16 20.48 10.32
C LYS A 138 -1.52 20.89 11.64
N ALA A 139 -0.94 19.92 12.37
CA ALA A 139 -0.26 20.22 13.62
C ALA A 139 0.90 21.18 13.40
N LEU A 140 1.57 21.09 12.25
CA LEU A 140 2.70 21.96 11.96
C LEU A 140 2.27 23.35 11.51
N GLY A 141 1.00 23.56 11.19
CA GLY A 141 0.53 24.85 10.75
C GLY A 141 0.44 25.02 9.25
N VAL A 142 0.61 23.94 8.49
CA VAL A 142 0.59 23.97 7.03
C VAL A 142 -0.80 24.40 6.54
N GLU A 143 -0.82 25.27 5.54
CA GLU A 143 -2.05 25.66 4.86
C GLU A 143 -2.21 24.84 3.58
N TYR A 144 -3.35 24.20 3.43
CA TYR A 144 -3.64 23.38 2.26
C TYR A 144 -4.14 24.24 1.11
N ASP A 145 -3.62 23.99 -0.10
CA ASP A 145 -4.29 24.44 -1.32
C ASP A 145 -4.88 23.23 -2.02
N SER A 146 -5.51 23.47 -3.18
CA SER A 146 -6.22 22.38 -3.83
C SER A 146 -5.28 21.24 -4.22
N ASN A 147 -4.09 21.56 -4.72
CA ASN A 147 -3.16 20.50 -5.13
C ASN A 147 -2.70 19.66 -3.95
N LEU A 148 -2.38 20.31 -2.82
CA LEU A 148 -1.99 19.53 -1.65
C LEU A 148 -3.16 18.71 -1.12
N ALA A 149 -4.37 19.28 -1.18
CA ALA A 149 -5.55 18.53 -0.76
C ALA A 149 -5.77 17.30 -1.66
N THR A 150 -5.65 17.48 -2.98
CA THR A 150 -5.77 16.35 -3.91
C THR A 150 -4.75 15.26 -3.59
N LEU A 151 -3.50 15.66 -3.36
CA LEU A 151 -2.44 14.69 -3.09
C LEU A 151 -2.66 13.96 -1.78
N ASN A 152 -3.25 14.63 -0.78
CA ASN A 152 -3.45 13.95 0.50
C ASN A 152 -4.72 13.10 0.46
N TYR A 153 -5.70 13.50 -0.34
CA TYR A 153 -6.89 12.69 -0.56
C TYR A 153 -6.53 11.35 -1.20
N LEU A 154 -5.57 11.37 -2.12
CA LEU A 154 -5.20 10.19 -2.91
C LEU A 154 -5.04 8.93 -2.04
N GLY A 155 -4.24 9.02 -0.97
CA GLY A 155 -3.94 7.81 -0.22
C GLY A 155 -5.13 7.30 0.58
N ILE A 156 -5.97 8.21 1.06
CA ILE A 156 -7.16 7.80 1.79
C ILE A 156 -8.11 7.07 0.86
N ALA A 157 -8.28 7.60 -0.36
CA ALA A 157 -9.13 6.92 -1.33
C ALA A 157 -8.56 5.56 -1.72
N THR A 158 -7.28 5.51 -2.13
CA THR A 158 -6.78 4.23 -2.64
C THR A 158 -6.75 3.15 -1.57
N ASN A 159 -6.38 3.50 -0.33
CA ASN A 159 -6.23 2.44 0.65
C ASN A 159 -7.56 1.94 1.19
N THR A 160 -8.66 2.65 0.94
CA THR A 160 -10.00 2.18 1.30
C THR A 160 -10.75 1.65 0.10
N GLY A 161 -10.10 1.48 -1.04
CA GLY A 161 -10.83 1.04 -2.22
C GLY A 161 -11.83 2.07 -2.68
N PHE A 162 -11.52 3.34 -2.51
CA PHE A 162 -12.47 4.44 -2.74
C PHE A 162 -13.74 4.21 -1.91
N PHE A 163 -13.52 4.06 -0.61
CA PHE A 163 -14.56 4.10 0.43
C PHE A 163 -15.44 2.85 0.41
N ARG A 164 -14.90 1.74 -0.09
CA ARG A 164 -15.63 0.48 -0.18
C ARG A 164 -15.25 -0.53 0.89
N HIS A 165 -14.01 -0.48 1.41
CA HIS A 165 -13.53 -1.52 2.30
C HIS A 165 -13.92 -1.25 3.75
N SER A 166 -13.74 -2.26 4.61
CA SER A 166 -14.16 -2.14 6.00
C SER A 166 -13.33 -1.13 6.79
N ASN A 167 -12.22 -0.62 6.25
CA ASN A 167 -11.42 0.37 6.93
C ASN A 167 -11.93 1.79 6.71
N ALA A 168 -12.98 1.94 5.91
CA ALA A 168 -13.59 3.25 5.64
C ALA A 168 -14.54 3.57 6.77
N ASP A 169 -13.98 4.08 7.86
CA ASP A 169 -14.75 4.41 9.06
C ASP A 169 -15.03 5.91 9.09
N VAL A 170 -15.68 6.36 10.17
CA VAL A 170 -16.14 7.76 10.20
C VAL A 170 -14.97 8.71 10.05
N ARG A 171 -13.80 8.35 10.58
CA ARG A 171 -12.63 9.23 10.47
C ARG A 171 -12.14 9.34 9.04
N VAL A 172 -12.24 8.26 8.26
CA VAL A 172 -11.91 8.30 6.84
C VAL A 172 -12.83 9.26 6.11
N PHE A 173 -14.13 9.12 6.33
CA PHE A 173 -15.09 10.00 5.65
C PHE A 173 -14.94 11.45 6.10
N GLU A 174 -14.62 11.66 7.38
CA GLU A 174 -14.40 13.03 7.82
C GLU A 174 -13.19 13.65 7.13
N ASP A 175 -12.08 12.90 7.08
CA ASP A 175 -10.89 13.37 6.39
C ASP A 175 -11.18 13.67 4.92
N ALA A 176 -11.87 12.75 4.24
CA ALA A 176 -12.19 12.97 2.83
C ALA A 176 -13.01 14.24 2.66
N TYR A 177 -14.03 14.42 3.51
CA TYR A 177 -14.84 15.62 3.44
C TYR A 177 -13.99 16.87 3.65
N LYS A 178 -13.15 16.88 4.70
CA LYS A 178 -12.32 18.06 4.93
C LYS A 178 -11.41 18.34 3.75
N LEU A 179 -10.83 17.29 3.14
CA LEU A 179 -9.94 17.52 2.01
C LEU A 179 -10.70 17.99 0.77
N VAL A 180 -11.89 17.43 0.51
CA VAL A 180 -12.66 17.91 -0.62
C VAL A 180 -13.11 19.34 -0.38
N LYS A 181 -13.46 19.68 0.86
CA LYS A 181 -13.82 21.07 1.15
C LYS A 181 -12.64 22.01 0.88
N MET A 182 -11.41 21.52 1.03
CA MET A 182 -10.23 22.33 0.75
C MET A 182 -9.77 22.24 -0.70
N GLY A 183 -10.58 21.65 -1.58
CA GLY A 183 -10.28 21.65 -2.99
C GLY A 183 -9.76 20.35 -3.57
N ALA A 184 -9.71 19.26 -2.78
CA ALA A 184 -9.28 17.98 -3.34
C ALA A 184 -10.17 17.59 -4.50
N ASP A 185 -9.56 17.21 -5.62
CA ASP A 185 -10.30 16.88 -6.84
C ASP A 185 -10.55 15.37 -6.83
N ALA A 186 -11.66 14.97 -6.22
CA ALA A 186 -11.91 13.55 -6.00
C ALA A 186 -12.09 12.83 -7.33
N HIS A 187 -12.71 13.51 -8.31
CA HIS A 187 -12.95 12.87 -9.60
C HIS A 187 -11.66 12.70 -10.38
N PHE A 188 -10.78 13.70 -10.33
CA PHE A 188 -9.46 13.57 -10.94
C PHE A 188 -8.74 12.34 -10.40
N VAL A 189 -8.75 12.15 -9.08
CA VAL A 189 -8.04 11.03 -8.48
C VAL A 189 -8.64 9.71 -8.95
N ALA A 190 -9.98 9.62 -8.97
CA ALA A 190 -10.60 8.36 -9.41
C ALA A 190 -10.27 8.06 -10.87
N LYS A 191 -10.32 9.09 -11.72
CA LYS A 191 -10.08 8.92 -13.15
C LYS A 191 -8.65 8.46 -13.42
N GLU A 192 -7.67 9.07 -12.76
CA GLU A 192 -6.27 8.69 -13.01
C GLU A 192 -5.95 7.30 -12.46
N ILE A 193 -6.49 6.97 -11.28
CA ILE A 193 -6.16 5.69 -10.66
C ILE A 193 -6.97 4.54 -11.30
N LEU A 194 -8.25 4.78 -11.57
CA LEU A 194 -9.14 3.68 -11.92
C LEU A 194 -9.51 3.61 -13.40
N GLU A 195 -9.25 4.65 -14.17
CA GLU A 195 -9.69 4.71 -15.55
C GLU A 195 -8.52 4.84 -16.50
N ASN A 196 -7.46 4.10 -16.20
CA ASN A 196 -6.28 4.02 -17.05
C ASN A 196 -5.96 2.56 -17.34
N LYS A 197 -6.99 1.75 -17.55
CA LYS A 197 -6.78 0.32 -17.77
C LYS A 197 -6.19 0.05 -19.15
N ARG A 198 -5.24 -0.86 -19.20
CA ARG A 198 -4.71 -1.35 -20.47
C ARG A 198 -5.57 -2.49 -20.99
N PHE A 199 -5.70 -2.57 -22.32
CA PHE A 199 -6.38 -3.71 -22.92
C PHE A 199 -5.75 -5.02 -22.49
N GLU A 200 -4.43 -5.05 -22.38
CA GLU A 200 -3.73 -6.25 -21.92
CA GLU A 200 -3.80 -6.29 -21.94
C GLU A 200 -4.20 -6.66 -20.52
N GLN A 201 -4.70 -5.70 -19.73
CA GLN A 201 -5.15 -6.07 -18.39
C GLN A 201 -6.44 -6.87 -18.47
N PHE A 202 -7.33 -6.57 -19.42
CA PHE A 202 -8.50 -7.42 -19.60
C PHE A 202 -8.09 -8.83 -20.02
N LYS A 203 -7.11 -8.94 -20.92
CA LYS A 203 -6.66 -10.26 -21.36
C LYS A 203 -6.00 -11.02 -20.22
N LEU A 204 -5.23 -10.32 -19.39
CA LEU A 204 -4.60 -10.97 -18.24
C LEU A 204 -5.66 -11.47 -17.27
N PHE A 205 -6.71 -10.67 -17.04
CA PHE A 205 -7.73 -11.15 -16.11
C PHE A 205 -8.51 -12.32 -16.69
N ALA A 206 -8.68 -12.38 -18.02
CA ALA A 206 -9.27 -13.57 -18.64
C ALA A 206 -8.46 -14.82 -18.31
N GLU A 207 -7.13 -14.69 -18.27
CA GLU A 207 -6.29 -15.81 -17.85
C GLU A 207 -6.59 -16.18 -16.41
N VAL A 208 -6.78 -15.19 -15.55
CA VAL A 208 -7.12 -15.46 -14.17
C VAL A 208 -8.43 -16.24 -14.08
N LEU A 209 -9.44 -15.83 -14.85
CA LEU A 209 -10.73 -16.50 -14.80
C LEU A 209 -10.64 -17.92 -15.31
N GLU A 210 -9.81 -18.17 -16.34
CA GLU A 210 -9.63 -19.53 -16.85
C GLU A 210 -9.07 -20.46 -15.80
N ARG A 211 -8.21 -19.95 -14.92
CA ARG A 211 -7.55 -20.76 -13.91
C ARG A 211 -8.29 -20.75 -12.57
N LEU A 212 -9.40 -20.03 -12.50
CA LEU A 212 -10.10 -19.84 -11.23
C LEU A 212 -10.65 -21.16 -10.72
N GLN A 213 -10.49 -21.38 -9.42
CA GLN A 213 -11.03 -22.58 -8.78
C GLN A 213 -11.79 -22.17 -7.53
N LEU A 214 -12.98 -22.73 -7.35
CA LEU A 214 -13.77 -22.52 -6.15
C LEU A 214 -13.67 -23.73 -5.24
N LEU A 215 -13.66 -23.49 -3.94
CA LEU A 215 -13.66 -24.56 -2.93
C LEU A 215 -14.68 -24.22 -1.86
N GLU A 216 -14.99 -25.20 -1.02
CA GLU A 216 -15.85 -25.04 0.16
C GLU A 216 -17.18 -24.38 -0.20
N ASN A 217 -17.90 -25.06 -1.09
CA ASN A 217 -19.24 -24.61 -1.51
C ASN A 217 -19.23 -23.18 -2.06
N GLY A 218 -18.22 -22.87 -2.87
CA GLY A 218 -18.09 -21.55 -3.45
C GLY A 218 -17.61 -20.46 -2.52
N LYS A 219 -17.22 -20.78 -1.29
CA LYS A 219 -16.83 -19.73 -0.36
C LYS A 219 -15.38 -19.33 -0.48
N ILE A 220 -14.55 -20.17 -1.11
CA ILE A 220 -13.14 -19.87 -1.35
C ILE A 220 -12.92 -19.83 -2.86
N ALA A 221 -12.25 -18.78 -3.32
CA ALA A 221 -11.91 -18.66 -4.73
C ALA A 221 -10.42 -18.41 -4.84
N TYR A 222 -9.73 -19.13 -5.72
CA TYR A 222 -8.34 -18.80 -5.95
C TYR A 222 -7.98 -18.99 -7.41
N SER A 223 -6.94 -18.27 -7.81
CA SER A 223 -6.38 -18.41 -9.15
C SER A 223 -4.91 -18.01 -9.07
N TYR A 224 -4.25 -18.00 -10.22
CA TYR A 224 -2.83 -17.69 -10.22
C TYR A 224 -2.43 -17.09 -11.56
N ILE A 225 -1.32 -16.36 -11.54
CA ILE A 225 -0.67 -15.84 -12.74
C ILE A 225 0.79 -16.25 -12.64
N ASP A 226 1.25 -17.09 -13.56
CA ASP A 226 2.67 -17.42 -13.57
C ASP A 226 3.42 -16.38 -14.39
N TYR A 227 4.74 -16.39 -14.23
CA TYR A 227 5.56 -15.35 -14.83
C TYR A 227 5.46 -15.36 -16.35
N ASP A 228 5.46 -16.55 -16.96
CA ASP A 228 5.33 -16.64 -18.41
C ASP A 228 4.03 -16.00 -18.89
N THR A 229 2.98 -16.05 -18.07
CA THR A 229 1.70 -15.46 -18.47
C THR A 229 1.77 -13.93 -18.40
N TYR A 230 2.43 -13.37 -17.39
CA TYR A 230 2.68 -11.93 -17.38
C TYR A 230 3.43 -11.51 -18.64
N LEU A 231 4.50 -12.23 -18.98
CA LEU A 231 5.29 -11.85 -20.14
C LEU A 231 4.48 -11.98 -21.43
N ARG A 232 3.70 -13.04 -21.53
CA ARG A 232 2.89 -13.27 -22.72
C ARG A 232 1.96 -12.11 -23.01
N HIS A 233 1.50 -11.40 -21.97
CA HIS A 233 0.55 -10.30 -22.12
C HIS A 233 1.21 -8.94 -21.92
N ASN A 234 2.54 -8.86 -22.03
CA ASN A 234 3.27 -7.61 -21.85
C ASN A 234 2.88 -6.92 -20.53
N CYS A 235 2.73 -7.73 -19.47
CA CYS A 235 2.27 -7.24 -18.19
C CYS A 235 3.30 -7.51 -17.10
N THR A 236 3.19 -6.73 -16.03
CA THR A 236 3.92 -6.93 -14.79
C THR A 236 2.89 -7.05 -13.66
N ASP A 237 3.37 -7.12 -12.42
CA ASP A 237 2.43 -7.18 -11.32
C ASP A 237 1.73 -5.84 -11.08
N GLU A 238 2.19 -4.76 -11.72
CA GLU A 238 1.40 -3.53 -11.69
C GLU A 238 0.06 -3.72 -12.38
N ASP A 239 0.02 -4.57 -13.40
CA ASP A 239 -1.20 -4.73 -14.21
C ASP A 239 -2.26 -5.59 -13.52
N SER A 240 -1.87 -6.42 -12.56
CA SER A 240 -2.83 -7.26 -11.86
C SER A 240 -3.34 -6.62 -10.57
N ALA A 241 -2.99 -5.35 -10.31
CA ALA A 241 -3.59 -4.64 -9.19
C ALA A 241 -5.11 -4.68 -9.28
N GLY A 242 -5.75 -4.97 -8.16
CA GLY A 242 -7.21 -5.03 -8.15
C GLY A 242 -7.80 -6.34 -8.61
N PHE A 243 -7.02 -7.27 -9.17
CA PHE A 243 -7.58 -8.54 -9.62
C PHE A 243 -8.15 -9.34 -8.45
N VAL A 244 -7.43 -9.40 -7.33
CA VAL A 244 -7.90 -10.22 -6.23
C VAL A 244 -9.21 -9.69 -5.67
N GLY A 245 -9.40 -8.37 -5.65
CA GLY A 245 -10.68 -7.82 -5.24
C GLY A 245 -11.81 -8.17 -6.18
N GLU A 246 -11.50 -8.31 -7.48
CA GLU A 246 -12.53 -8.76 -8.42
C GLU A 246 -12.97 -10.18 -8.11
N LEU A 247 -12.04 -11.03 -7.68
CA LEU A 247 -12.43 -12.39 -7.28
C LEU A 247 -13.27 -12.37 -6.00
N ARG A 248 -12.93 -11.49 -5.05
CA ARG A 248 -13.75 -11.34 -3.86
C ARG A 248 -15.16 -10.88 -4.21
N SER A 249 -15.31 -10.14 -5.31
CA SER A 249 -16.60 -9.59 -5.67
CA SER A 249 -16.61 -9.59 -5.66
C SER A 249 -17.56 -10.62 -6.24
N ILE A 250 -17.12 -11.87 -6.42
CA ILE A 250 -18.00 -12.91 -6.90
C ILE A 250 -19.01 -13.27 -5.82
N ARG A 251 -20.27 -13.42 -6.23
CA ARG A 251 -21.35 -13.77 -5.32
C ARG A 251 -21.03 -15.03 -4.50
N GLY A 252 -21.20 -14.92 -3.19
CA GLY A 252 -21.01 -16.07 -2.32
C GLY A 252 -19.59 -16.35 -1.91
N VAL A 253 -18.60 -15.68 -2.50
CA VAL A 253 -17.21 -15.87 -2.12
C VAL A 253 -16.92 -15.13 -0.82
N GLU A 254 -16.28 -15.82 0.13
CA GLU A 254 -15.85 -15.17 1.36
C GLU A 254 -14.36 -14.87 1.37
N VAL A 255 -13.54 -15.76 0.83
CA VAL A 255 -12.09 -15.56 0.75
C VAL A 255 -11.65 -15.71 -0.69
N ALA A 256 -10.82 -14.77 -1.16
CA ALA A 256 -10.23 -14.81 -2.49
C ALA A 256 -8.73 -14.76 -2.35
N VAL A 257 -8.02 -15.60 -3.10
CA VAL A 257 -6.57 -15.68 -3.04
C VAL A 257 -6.04 -15.67 -4.46
N LEU A 258 -5.08 -14.79 -4.73
CA LEU A 258 -4.44 -14.72 -6.05
C LEU A 258 -2.94 -14.90 -5.87
N PHE A 259 -2.38 -15.90 -6.55
CA PHE A 259 -0.95 -16.20 -6.51
C PHE A 259 -0.31 -15.59 -7.75
N MET A 260 0.71 -14.75 -7.56
CA MET A 260 1.31 -14.02 -8.66
C MET A 260 2.81 -14.22 -8.65
N GLU A 261 3.33 -14.79 -9.72
CA GLU A 261 4.77 -15.02 -9.85
C GLU A 261 5.36 -13.87 -10.66
N PHE A 262 6.09 -12.98 -9.98
CA PHE A 262 6.75 -11.88 -10.66
C PHE A 262 7.77 -11.22 -9.74
N PRO A 263 9.06 -11.19 -10.10
CA PRO A 263 9.67 -11.87 -11.25
C PRO A 263 9.69 -13.38 -11.10
N ARG A 264 10.46 -14.05 -11.95
CA ARG A 264 10.48 -15.50 -11.97
C ARG A 264 10.86 -16.04 -10.59
N GLY A 265 10.08 -17.01 -10.09
CA GLY A 265 10.35 -17.61 -8.81
C GLY A 265 9.94 -16.81 -7.59
N LYS A 266 9.50 -15.57 -7.76
CA LYS A 266 9.03 -14.73 -6.65
C LYS A 266 7.51 -14.78 -6.66
N ILE A 267 6.93 -15.43 -5.66
CA ILE A 267 5.49 -15.68 -5.66
C ILE A 267 4.86 -14.82 -4.58
N HIS A 268 4.05 -13.86 -4.99
CA HIS A 268 3.30 -13.05 -4.05
C HIS A 268 1.89 -13.62 -3.94
N VAL A 269 1.44 -13.81 -2.71
CA VAL A 269 0.10 -14.32 -2.43
C VAL A 269 -0.72 -13.17 -1.86
N SER A 270 -1.77 -12.75 -2.59
N SER A 270 -1.82 -12.81 -2.54
CA SER A 270 -2.69 -11.70 -2.14
CA SER A 270 -2.74 -11.76 -2.09
C SER A 270 -3.98 -12.34 -1.67
C SER A 270 -4.04 -12.40 -1.61
N MET A 271 -4.42 -11.99 -0.46
CA MET A 271 -5.63 -12.57 0.12
C MET A 271 -6.61 -11.46 0.50
N ARG A 272 -7.89 -11.71 0.24
CA ARG A 272 -8.96 -10.78 0.59
C ARG A 272 -10.10 -11.57 1.20
N SER A 273 -10.74 -11.03 2.23
CA SER A 273 -11.96 -11.64 2.70
C SER A 273 -13.07 -10.60 2.71
N LYS A 274 -14.30 -11.08 2.79
CA LYS A 274 -15.48 -10.24 2.62
C LYS A 274 -16.15 -9.89 3.94
N ASP A 275 -16.53 -10.90 4.74
CA ASP A 275 -17.43 -10.70 5.87
C ASP A 275 -16.71 -10.91 7.20
N TRP A 276 -15.98 -12.02 7.38
CA TRP A 276 -15.67 -12.46 8.74
C TRP A 276 -14.33 -13.16 8.87
N PHE A 277 -13.83 -13.74 7.78
CA PHE A 277 -12.63 -14.57 7.89
C PHE A 277 -11.39 -13.71 7.98
N ASN A 278 -10.52 -13.99 8.95
CA ASN A 278 -9.32 -13.19 9.19
C ASN A 278 -8.17 -13.75 8.36
N VAL A 279 -7.93 -13.15 7.19
CA VAL A 279 -6.87 -13.62 6.32
C VAL A 279 -5.50 -13.24 6.86
N ASN A 280 -5.43 -12.25 7.75
CA ASN A 280 -4.14 -11.87 8.32
CA ASN A 280 -4.15 -11.86 8.33
C ASN A 280 -3.56 -12.98 9.18
N GLU A 281 -4.42 -13.79 9.82
CA GLU A 281 -3.90 -14.87 10.64
C GLU A 281 -3.26 -15.96 9.78
N VAL A 282 -3.88 -16.26 8.64
CA VAL A 282 -3.28 -17.19 7.68
C VAL A 282 -1.96 -16.61 7.15
N ALA A 283 -1.99 -15.36 6.71
CA ALA A 283 -0.79 -14.71 6.19
C ALA A 283 0.34 -14.76 7.20
N PHE A 284 0.07 -14.34 8.43
CA PHE A 284 1.10 -14.31 9.47
C PHE A 284 1.73 -15.69 9.66
N GLU A 285 0.88 -16.73 9.74
CA GLU A 285 1.39 -18.07 9.97
C GLU A 285 2.27 -18.57 8.83
N LEU A 286 2.09 -18.02 7.63
CA LEU A 286 2.90 -18.36 6.48
C LEU A 286 4.11 -17.44 6.31
N GLY A 287 4.28 -16.46 7.18
CA GLY A 287 5.41 -15.56 7.11
C GLY A 287 5.13 -14.21 6.51
N GLY A 288 3.87 -13.87 6.28
CA GLY A 288 3.53 -12.55 5.78
C GLY A 288 2.80 -11.74 6.84
N GLY A 289 1.77 -11.02 6.42
CA GLY A 289 0.99 -10.22 7.35
C GLY A 289 0.05 -9.31 6.60
N GLY A 290 -0.64 -8.47 7.37
CA GLY A 290 -1.59 -7.55 6.79
C GLY A 290 -2.75 -7.32 7.73
N HIS A 291 -3.93 -7.16 7.13
CA HIS A 291 -5.16 -6.80 7.83
C HIS A 291 -6.13 -7.96 7.85
N PRO A 292 -7.08 -7.97 8.79
CA PRO A 292 -8.09 -9.04 8.83
C PRO A 292 -8.78 -9.32 7.50
N ARG A 293 -9.00 -8.31 6.66
CA ARG A 293 -9.70 -8.50 5.39
C ARG A 293 -8.81 -8.36 4.17
N ALA A 294 -7.52 -8.06 4.34
CA ALA A 294 -6.60 -7.95 3.22
C ALA A 294 -5.18 -8.18 3.73
N ALA A 295 -4.53 -9.23 3.21
CA ALA A 295 -3.23 -9.62 3.74
C ALA A 295 -2.48 -10.39 2.65
N GLY A 296 -1.18 -10.58 2.86
CA GLY A 296 -0.37 -11.19 1.83
C GLY A 296 0.85 -11.89 2.40
N VAL A 297 1.46 -12.70 1.54
CA VAL A 297 2.67 -13.46 1.83
C VAL A 297 3.52 -13.45 0.58
N THR A 298 4.84 -13.40 0.73
CA THR A 298 5.70 -13.36 -0.44
C THR A 298 6.78 -14.43 -0.27
N PHE A 299 6.86 -15.33 -1.24
CA PHE A 299 7.87 -16.39 -1.23
C PHE A 299 8.92 -16.09 -2.27
N GLU A 300 10.17 -16.37 -1.94
CA GLU A 300 11.29 -16.28 -2.87
C GLU A 300 11.84 -17.67 -3.05
N GLY A 301 12.11 -18.03 -4.30
CA GLY A 301 12.77 -19.28 -4.57
C GLY A 301 11.90 -20.51 -4.55
N LYS A 302 10.61 -20.36 -4.86
CA LYS A 302 9.71 -21.49 -4.80
C LYS A 302 9.01 -21.69 -6.15
N LYS A 303 8.68 -22.95 -6.45
CA LYS A 303 7.78 -23.24 -7.55
C LYS A 303 6.36 -22.84 -7.17
N ILE A 304 5.63 -22.27 -8.13
CA ILE A 304 4.24 -21.95 -7.82
C ILE A 304 3.46 -23.22 -7.52
N GLU A 305 3.89 -24.34 -8.10
CA GLU A 305 3.27 -25.64 -7.84
C GLU A 305 3.47 -26.09 -6.40
N GLU A 306 4.47 -25.54 -5.70
CA GLU A 306 4.62 -25.86 -4.29
C GLU A 306 3.85 -24.88 -3.42
N VAL A 307 3.86 -23.59 -3.78
CA VAL A 307 3.27 -22.58 -2.91
C VAL A 307 1.76 -22.71 -2.87
N ILE A 308 1.13 -22.94 -4.03
CA ILE A 308 -0.33 -22.94 -4.10
C ILE A 308 -0.93 -23.98 -3.15
N PRO A 309 -0.56 -25.27 -3.23
CA PRO A 309 -1.21 -26.24 -2.33
C PRO A 309 -0.87 -26.02 -0.86
N ARG A 310 0.32 -25.52 -0.53
CA ARG A 310 0.63 -25.25 0.87
C ARG A 310 -0.24 -24.11 1.42
N VAL A 311 -0.40 -23.02 0.66
CA VAL A 311 -1.25 -21.93 1.11
C VAL A 311 -2.70 -22.36 1.18
N ILE A 312 -3.19 -23.07 0.15
CA ILE A 312 -4.59 -23.49 0.14
C ILE A 312 -4.86 -24.46 1.30
N ASN A 313 -3.90 -25.36 1.57
CA ASN A 313 -4.02 -26.26 2.72
C ASN A 313 -4.20 -25.49 4.04
N HIS A 314 -3.34 -24.50 4.28
CA HIS A 314 -3.44 -23.73 5.52
CA HIS A 314 -3.45 -23.75 5.53
C HIS A 314 -4.75 -22.94 5.56
N LEU A 315 -5.14 -22.37 4.43
CA LEU A 315 -6.37 -21.59 4.37
C LEU A 315 -7.59 -22.47 4.65
N LEU A 316 -7.61 -23.66 4.07
CA LEU A 316 -8.74 -24.58 4.30
C LEU A 316 -8.82 -24.97 5.77
N LYS A 317 -7.69 -25.28 6.40
CA LYS A 317 -7.70 -25.65 7.82
C LYS A 317 -8.27 -24.51 8.66
N LYS A 318 -7.76 -23.29 8.45
CA LYS A 318 -8.25 -22.15 9.20
C LYS A 318 -9.71 -21.85 8.88
N PHE A 319 -10.09 -21.94 7.61
CA PHE A 319 -11.47 -21.61 7.25
C PHE A 319 -12.44 -22.58 7.90
N LYS A 320 -12.11 -23.87 7.91
CA LYS A 320 -12.99 -24.85 8.54
C LYS A 320 -13.09 -24.63 10.04
N GLU A 321 -11.99 -24.21 10.66
CA GLU A 321 -12.03 -23.88 12.09
C GLU A 321 -12.94 -22.68 12.35
N GLY A 322 -12.83 -21.64 11.52
CA GLY A 322 -13.67 -20.47 11.71
C GLY A 322 -15.15 -20.78 11.56
N VAL A 323 -15.49 -21.65 10.61
CA VAL A 323 -16.89 -22.00 10.38
C VAL A 323 -17.46 -22.68 11.62
N GLU A 324 -16.66 -23.52 12.29
CA GLU A 324 -17.07 -24.15 13.54
C GLU A 324 -17.16 -23.16 14.69
N SER A 325 -16.80 -21.90 14.48
CA SER A 325 -16.81 -20.87 15.52
C SER A 325 -15.87 -21.25 16.65
#